data_4XD0
#
_entry.id   4XD0
#
_cell.length_a   78.134
_cell.length_b   78.134
_cell.length_c   151.424
_cell.angle_alpha   90.00
_cell.angle_beta   90.00
_cell.angle_gamma   90.00
#
_symmetry.space_group_name_H-M   'P 41 21 2'
#
loop_
_entity.id
_entity.type
_entity.pdbx_description
1 polymer TDP-3-aminoquinovose-N-formyltransferase
2 non-polymer '(3R,4S,5R,6R)-4-amino-3,5-dihydroxy-6-methyloxan-2-yl][hydroxy-[[(2R,3S,5R)-3-hydroxy-5-(5-methyl-2,4-dioxopyrimidin-1-yl)oxolan-2-yl]methoxy]phosphoryl] hydrogen phosphate'
3 non-polymer 'N-{[4-({[(6R)-2-amino-5-formyl-4-oxo-1,4,5,6,7,8-hexahydropteridin-6-yl]methyl}amino)phenyl]carbonyl}-L-glutamic acid'
4 non-polymer 'POTASSIUM ION'
5 non-polymer 'SODIUM ION'
6 non-polymer 'CHLORIDE ION'
7 water water
#
_entity_poly.entity_id   1
_entity_poly.type   'polypeptide(L)'
_entity_poly.pdbx_seq_one_letter_code
;MGSSHHHHHHSSENLYFQGAMKLIIAGKNNIAVDVTKWIIKTISDIELYSVCNENDHGNDSFQLSFKKFCIQFNIPIISL
EDAYHLEDAIFLSLEFDKIIHPSKFTHNRIFNIHFSYLPAYKGMYTSAWPILNNEQESGVTLHKIDHGIDTGAIIDQQKF
PLDIEETAKTLYLKYIKIGTEIVIKNLPALISGNYSIVEQSAIKSSYYSKKSIDYKNLMIDLNKTAHEILQQIRAFTFRD
YQLPRIDDIDIFHGEILSSKSLSKPGTILEKNNYHLILSTIDYDIKLYSDNFDEILTACEDKSPEFISKLLKTENILFEK
NHLGWSPIIIAAYHGNMDVIEWLVSKGVNINDRNYKGTTVAMYFKDYMLRSGNYTGLENLINLGLDLFLKDNEGLSVFDY
MRKNKNIELFNFMSTFN
;
_entity_poly.pdbx_strand_id   A
#
loop_
_chem_comp.id
_chem_comp.type
_chem_comp.name
_chem_comp.formula
CL non-polymer 'CHLORIDE ION' 'Cl -1'
FON non-polymer 'N-{[4-({[(6R)-2-amino-5-formyl-4-oxo-1,4,5,6,7,8-hexahydropteridin-6-yl]methyl}amino)phenyl]carbonyl}-L-glutamic acid' 'C20 H23 N7 O7'
K non-polymer 'POTASSIUM ION' 'K 1'
NA non-polymer 'SODIUM ION' 'Na 1'
T3F non-polymer '(3R,4S,5R,6R)-4-amino-3,5-dihydroxy-6-methyloxan-2-yl][hydroxy-[[(2R,3S,5R)-3-hydroxy-5-(5-methyl-2,4-dioxopyrimidin-1-yl)oxolan-2-yl]methoxy]phosphoryl] hydrogen phosphate' 'C16 H27 N3 O14 P2'
#
# COMPACT_ATOMS: atom_id res chain seq x y z
N MET A 21 30.45 9.32 4.79
CA MET A 21 29.94 8.22 3.93
C MET A 21 29.08 8.86 2.83
N LYS A 22 28.97 8.17 1.71
CA LYS A 22 27.92 8.45 0.73
C LYS A 22 26.90 7.33 0.89
N LEU A 23 25.64 7.63 0.63
CA LEU A 23 24.57 6.64 0.73
C LEU A 23 23.72 6.74 -0.54
N ILE A 24 23.67 5.64 -1.27
CA ILE A 24 22.94 5.57 -2.52
C ILE A 24 21.66 4.78 -2.29
N ILE A 25 20.53 5.45 -2.55
CA ILE A 25 19.22 4.85 -2.36
C ILE A 25 18.64 4.63 -3.75
N ALA A 26 18.56 3.37 -4.17
CA ALA A 26 18.03 2.91 -5.44
C ALA A 26 16.65 2.21 -5.27
N GLY A 27 15.62 2.76 -5.88
CA GLY A 27 14.32 2.09 -5.79
C GLY A 27 13.16 3.03 -5.99
N LYS A 28 12.05 2.76 -5.30
CA LYS A 28 10.77 3.34 -5.67
C LYS A 28 9.79 3.26 -4.51
N ASN A 29 8.72 4.04 -4.63
CA ASN A 29 7.57 4.00 -3.74
C ASN A 29 7.83 4.54 -2.34
N ASN A 30 6.87 4.33 -1.44
CA ASN A 30 6.90 5.01 -0.18
C ASN A 30 8.00 4.51 0.71
N ILE A 31 8.42 3.27 0.43
CA ILE A 31 9.60 2.75 1.11
C ILE A 31 10.84 3.56 0.74
N ALA A 32 11.08 3.84 -0.54
CA ALA A 32 12.28 4.63 -0.86
C ALA A 32 12.16 6.06 -0.31
N VAL A 33 11.01 6.68 -0.52
CA VAL A 33 10.71 8.00 0.06
C VAL A 33 10.86 8.07 1.59
N ASP A 34 10.19 7.21 2.35
CA ASP A 34 10.21 7.30 3.83
C ASP A 34 11.54 6.97 4.49
N VAL A 35 12.27 6.01 3.92
CA VAL A 35 13.64 5.79 4.38
C VAL A 35 14.46 7.05 4.14
N THR A 36 14.37 7.62 2.93
CA THR A 36 15.16 8.81 2.61
C THR A 36 14.83 10.02 3.54
N LYS A 37 13.56 10.14 3.93
CA LYS A 37 13.12 11.20 4.81
C LYS A 37 13.74 11.05 6.20
N TRP A 38 13.76 9.81 6.68
CA TRP A 38 14.37 9.52 7.96
C TRP A 38 15.85 9.82 7.95
N ILE A 39 16.54 9.46 6.88
CA ILE A 39 17.97 9.75 6.76
C ILE A 39 18.18 11.27 6.85
N ILE A 40 17.35 12.00 6.12
CA ILE A 40 17.47 13.45 6.06
C ILE A 40 17.28 14.03 7.47
N LYS A 41 16.20 13.66 8.13
CA LYS A 41 15.97 14.11 9.49
C LYS A 41 17.07 13.68 10.46
N THR A 42 17.65 12.48 10.28
CA THR A 42 18.43 11.88 11.34
C THR A 42 19.94 11.84 11.12
N ILE A 43 20.38 11.78 9.87
CA ILE A 43 21.81 11.65 9.60
C ILE A 43 22.26 12.81 8.72
N SER A 44 22.97 13.77 9.30
CA SER A 44 23.68 14.76 8.51
C SER A 44 25.12 14.28 8.36
N ASP A 45 25.85 14.87 7.42
CA ASP A 45 27.18 14.39 7.07
C ASP A 45 27.12 13.25 6.05
N ILE A 46 25.95 12.64 5.88
CA ILE A 46 25.78 11.65 4.82
C ILE A 46 25.47 12.39 3.54
N GLU A 47 26.13 11.95 2.47
CA GLU A 47 25.96 12.54 1.17
C GLU A 47 25.03 11.61 0.37
N LEU A 48 23.80 12.05 0.13
CA LEU A 48 22.79 11.17 -0.43
C LEU A 48 22.80 11.24 -1.95
N TYR A 49 22.53 10.08 -2.59
CA TYR A 49 22.24 9.97 -4.04
C TYR A 49 21.08 9.02 -4.26
N SER A 50 20.40 9.19 -5.39
CA SER A 50 19.23 8.44 -5.73
C SER A 50 19.45 7.76 -7.09
N VAL A 51 19.07 6.48 -7.21
CA VAL A 51 18.87 5.80 -8.50
C VAL A 51 17.39 5.38 -8.59
N CYS A 52 16.75 5.72 -9.70
CA CYS A 52 15.30 5.48 -9.81
C CYS A 52 14.97 4.33 -10.76
N ASN A 53 13.75 3.81 -10.64
CA ASN A 53 13.32 2.70 -11.45
C ASN A 53 12.93 3.23 -12.84
N GLU A 54 13.02 2.34 -13.81
CA GLU A 54 12.79 2.73 -15.18
C GLU A 54 11.34 3.16 -15.42
N ASN A 55 10.37 2.56 -14.74
CA ASN A 55 8.99 2.98 -14.97
CA ASN A 55 8.97 2.92 -14.90
C ASN A 55 8.54 4.09 -14.01
N ASP A 56 9.48 4.70 -13.30
CA ASP A 56 9.13 5.85 -12.45
C ASP A 56 9.32 7.11 -13.29
N HIS A 57 8.20 7.62 -13.80
CA HIS A 57 8.18 8.79 -14.68
C HIS A 57 7.72 10.08 -13.96
N GLY A 58 7.86 10.11 -12.64
CA GLY A 58 7.57 11.33 -11.89
C GLY A 58 6.16 11.47 -11.34
N ASN A 59 5.32 10.46 -11.56
CA ASN A 59 3.92 10.52 -11.19
C ASN A 59 3.60 9.80 -9.89
N ASP A 60 3.03 10.53 -8.95
CA ASP A 60 2.46 9.95 -7.75
C ASP A 60 1.22 9.09 -8.09
N SER A 61 1.09 7.96 -7.43
CA SER A 61 -0.07 7.05 -7.58
C SER A 61 -0.42 6.62 -6.17
N PHE A 62 -0.84 5.36 -6.00
CA PHE A 62 -1.18 4.89 -4.65
C PHE A 62 0.12 4.88 -3.87
N GLN A 63 1.23 4.91 -4.60
CA GLN A 63 2.55 5.26 -4.01
C GLN A 63 3.19 6.53 -4.64
N LEU A 64 3.94 7.25 -3.80
CA LEU A 64 4.73 8.41 -4.21
C LEU A 64 5.78 8.02 -5.22
N SER A 65 6.01 8.91 -6.20
CA SER A 65 7.13 8.84 -7.12
C SER A 65 8.42 9.26 -6.40
N PHE A 66 9.41 8.38 -6.37
CA PHE A 66 10.64 8.66 -5.62
C PHE A 66 11.45 9.68 -6.42
N LYS A 67 11.36 9.59 -7.73
CA LYS A 67 12.00 10.55 -8.62
C LYS A 67 11.55 12.02 -8.37
N LYS A 68 10.25 12.24 -8.33
CA LYS A 68 9.67 13.54 -7.99
C LYS A 68 10.14 14.01 -6.62
N PHE A 69 10.08 13.11 -5.65
CA PHE A 69 10.51 13.47 -4.33
C PHE A 69 11.98 13.95 -4.37
N CYS A 70 12.87 13.17 -4.97
CA CYS A 70 14.28 13.54 -4.99
C CYS A 70 14.51 14.87 -5.71
N ILE A 71 13.77 15.11 -6.79
CA ILE A 71 13.98 16.37 -7.46
C ILE A 71 13.61 17.52 -6.55
N GLN A 72 12.46 17.41 -5.88
CA GLN A 72 11.98 18.46 -4.98
C GLN A 72 12.84 18.67 -3.75
N PHE A 73 13.47 17.60 -3.28
CA PHE A 73 14.30 17.71 -2.10
C PHE A 73 15.77 17.79 -2.44
N ASN A 74 16.08 18.06 -3.71
CA ASN A 74 17.47 18.23 -4.12
C ASN A 74 18.38 17.07 -3.76
N ILE A 75 17.86 15.84 -3.87
CA ILE A 75 18.75 14.68 -3.83
C ILE A 75 19.21 14.40 -5.25
N PRO A 76 20.52 14.49 -5.51
CA PRO A 76 20.97 14.23 -6.86
C PRO A 76 20.59 12.81 -7.36
N ILE A 77 19.98 12.74 -8.55
CA ILE A 77 19.66 11.48 -9.16
C ILE A 77 20.81 11.05 -10.10
N ILE A 78 21.33 9.84 -9.87
CA ILE A 78 22.39 9.28 -10.73
C ILE A 78 21.94 7.97 -11.39
N SER A 79 22.69 7.59 -12.42
CA SER A 79 22.52 6.30 -13.10
C SER A 79 23.07 5.15 -12.27
N LEU A 80 22.57 3.94 -12.50
CA LEU A 80 23.17 2.75 -11.91
C LEU A 80 24.66 2.69 -12.26
N GLU A 81 24.94 3.01 -13.52
CA GLU A 81 26.34 3.09 -14.00
C GLU A 81 27.23 4.01 -13.13
N ASP A 82 26.73 5.19 -12.79
CA ASP A 82 27.47 6.16 -11.97
C ASP A 82 27.67 5.62 -10.58
N ALA A 83 26.66 4.90 -10.13
CA ALA A 83 26.70 4.30 -8.80
C ALA A 83 27.88 3.36 -8.62
N TYR A 84 28.25 2.65 -9.69
CA TYR A 84 29.35 1.68 -9.59
C TYR A 84 30.65 2.33 -9.24
N HIS A 85 30.83 3.56 -9.70
CA HIS A 85 32.12 4.27 -9.56
C HIS A 85 32.24 5.10 -8.29
N LEU A 86 31.20 5.14 -7.46
CA LEU A 86 31.30 5.86 -6.20
C LEU A 86 32.04 5.00 -5.17
N GLU A 87 33.09 5.59 -4.62
CA GLU A 87 33.85 4.95 -3.58
C GLU A 87 33.38 5.57 -2.26
N ASP A 88 33.62 4.82 -1.19
CA ASP A 88 33.25 5.23 0.17
C ASP A 88 31.76 5.40 0.27
N ALA A 89 31.04 4.49 -0.39
CA ALA A 89 29.60 4.54 -0.45
C ALA A 89 28.96 3.28 0.13
N ILE A 90 27.67 3.43 0.46
CA ILE A 90 26.80 2.33 0.79
C ILE A 90 25.70 2.39 -0.26
N PHE A 91 25.25 1.22 -0.71
CA PHE A 91 24.20 1.09 -1.72
C PHE A 91 23.06 0.28 -1.12
N LEU A 92 21.86 0.86 -1.14
CA LEU A 92 20.67 0.26 -0.57
C LEU A 92 19.47 0.24 -1.54
N SER A 93 19.02 -0.96 -1.92
CA SER A 93 18.00 -1.22 -2.94
C SER A 93 16.67 -1.42 -2.23
N LEU A 94 15.70 -0.60 -2.57
CA LEU A 94 14.36 -0.64 -1.95
C LEU A 94 13.34 -0.73 -3.10
N GLU A 95 13.06 -1.96 -3.50
CA GLU A 95 12.17 -2.27 -4.64
C GLU A 95 12.73 -1.76 -5.97
N PHE A 96 14.06 -1.76 -6.04
CA PHE A 96 14.77 -1.43 -7.28
C PHE A 96 14.55 -2.47 -8.36
N ASP A 97 14.69 -2.04 -9.61
CA ASP A 97 14.24 -2.88 -10.71
C ASP A 97 15.35 -3.45 -11.59
N LYS A 98 16.61 -3.10 -11.38
CA LYS A 98 17.69 -3.66 -12.22
C LYS A 98 18.61 -4.53 -11.41
N ILE A 99 19.16 -5.56 -12.06
CA ILE A 99 20.03 -6.51 -11.37
C ILE A 99 21.30 -5.81 -10.96
N ILE A 100 21.68 -6.00 -9.70
CA ILE A 100 22.92 -5.46 -9.15
C ILE A 100 24.00 -6.52 -8.93
N HIS A 101 25.13 -6.36 -9.61
CA HIS A 101 26.21 -7.32 -9.50
C HIS A 101 27.32 -6.78 -8.58
N PRO A 102 27.53 -7.43 -7.44
CA PRO A 102 28.48 -6.92 -6.45
C PRO A 102 29.92 -6.80 -6.97
N SER A 103 30.26 -7.54 -8.03
CA SER A 103 31.60 -7.45 -8.61
C SER A 103 31.86 -6.13 -9.33
N LYS A 104 30.79 -5.41 -9.67
CA LYS A 104 30.91 -4.08 -10.25
C LYS A 104 31.24 -2.96 -9.25
N PHE A 105 31.34 -3.26 -7.96
CA PHE A 105 31.65 -2.26 -6.93
C PHE A 105 33.01 -2.53 -6.26
N THR A 106 33.64 -1.48 -5.73
CA THR A 106 34.92 -1.61 -4.99
C THR A 106 34.69 -2.23 -3.63
N HIS A 107 33.47 -2.12 -3.16
CA HIS A 107 33.13 -2.56 -1.81
C HIS A 107 31.99 -3.57 -1.90
N ASN A 108 31.58 -4.07 -0.74
CA ASN A 108 30.52 -5.06 -0.61
C ASN A 108 29.41 -4.57 0.32
N ARG A 109 29.28 -3.25 0.43
CA ARG A 109 28.34 -2.61 1.30
C ARG A 109 27.10 -2.41 0.42
N ILE A 110 26.45 -3.53 0.12
CA ILE A 110 25.33 -3.52 -0.86
C ILE A 110 24.15 -4.32 -0.28
N PHE A 111 23.04 -3.64 -0.05
CA PHE A 111 21.95 -4.22 0.71
C PHE A 111 20.63 -4.14 -0.07
N ASN A 112 19.69 -5.00 0.29
CA ASN A 112 18.41 -5.03 -0.37
C ASN A 112 17.37 -5.30 0.71
N ILE A 113 16.19 -4.75 0.50
CA ILE A 113 14.98 -5.16 1.23
C ILE A 113 14.12 -6.03 0.29
N HIS A 114 13.84 -7.26 0.73
CA HIS A 114 12.99 -8.15 -0.01
C HIS A 114 11.70 -8.38 0.77
N PHE A 115 10.62 -8.33 0.00
CA PHE A 115 9.29 -8.48 0.54
C PHE A 115 8.90 -9.97 0.67
N SER A 116 9.62 -10.70 1.52
CA SER A 116 9.30 -12.05 2.02
C SER A 116 10.23 -12.40 3.17
N TYR A 117 9.88 -13.49 3.83
CA TYR A 117 10.64 -14.01 4.97
C TYR A 117 11.53 -15.06 4.31
N LEU A 118 12.65 -14.58 3.78
CA LEU A 118 13.60 -15.44 3.14
C LEU A 118 14.07 -16.57 4.09
N PRO A 119 14.35 -17.76 3.55
CA PRO A 119 14.61 -18.13 2.16
C PRO A 119 13.37 -18.40 1.29
N ALA A 120 12.18 -18.36 1.87
CA ALA A 120 10.95 -18.54 1.05
C ALA A 120 10.62 -17.34 0.16
N TYR A 121 9.89 -17.59 -0.94
CA TYR A 121 9.42 -16.52 -1.77
C TYR A 121 10.46 -15.50 -2.29
N LYS A 122 11.59 -15.99 -2.76
CA LYS A 122 12.49 -15.18 -3.57
C LYS A 122 11.73 -14.81 -4.83
N GLY A 123 12.16 -13.76 -5.51
CA GLY A 123 11.59 -13.49 -6.83
C GLY A 123 10.34 -12.61 -6.78
N MET A 124 9.37 -12.89 -7.64
CA MET A 124 8.33 -11.93 -8.04
C MET A 124 6.97 -12.18 -7.35
N TYR A 125 6.14 -11.16 -7.32
CA TYR A 125 4.72 -11.26 -6.96
C TYR A 125 4.53 -11.77 -5.53
N THR A 126 5.30 -11.25 -4.59
CA THR A 126 5.33 -11.85 -3.25
C THR A 126 4.13 -11.38 -2.45
N SER A 127 3.34 -10.47 -3.01
CA SER A 127 2.04 -10.08 -2.46
C SER A 127 0.89 -10.97 -2.87
N ALA A 128 1.13 -11.77 -3.91
CA ALA A 128 0.19 -12.77 -4.38
C ALA A 128 0.46 -14.20 -3.89
N TRP A 129 1.69 -14.69 -4.10
CA TRP A 129 2.00 -16.08 -3.93
C TRP A 129 1.71 -16.62 -2.53
N PRO A 130 2.09 -15.90 -1.47
CA PRO A 130 1.81 -16.39 -0.12
C PRO A 130 0.29 -16.61 0.11
N ILE A 131 -0.50 -15.81 -0.57
CA ILE A 131 -1.96 -15.93 -0.51
C ILE A 131 -2.46 -17.12 -1.32
N LEU A 132 -2.01 -17.22 -2.57
CA LEU A 132 -2.29 -18.35 -3.41
C LEU A 132 -1.92 -19.65 -2.71
N ASN A 133 -0.81 -19.67 -1.96
CA ASN A 133 -0.33 -20.87 -1.30
C ASN A 133 -0.90 -20.99 0.13
N ASN A 134 -1.80 -20.08 0.51
CA ASN A 134 -2.56 -20.15 1.78
C ASN A 134 -1.65 -20.19 2.99
N GLU A 135 -0.52 -19.51 2.88
CA GLU A 135 0.35 -19.25 4.03
C GLU A 135 -0.38 -18.60 5.19
N GLN A 136 0.14 -18.88 6.39
CA GLN A 136 -0.37 -18.26 7.62
C GLN A 136 0.44 -17.00 7.98
N GLU A 137 1.61 -16.84 7.40
CA GLU A 137 2.29 -15.58 7.60
C GLU A 137 3.25 -15.22 6.46
N SER A 138 3.82 -14.01 6.54
CA SER A 138 4.87 -13.61 5.62
C SER A 138 5.85 -12.76 6.42
N GLY A 139 6.63 -11.96 5.72
CA GLY A 139 7.58 -11.03 6.36
C GLY A 139 8.38 -10.20 5.37
N VAL A 140 9.42 -9.54 5.88
CA VAL A 140 10.33 -8.72 5.10
C VAL A 140 11.73 -9.04 5.59
N THR A 141 12.69 -8.92 4.68
CA THR A 141 14.03 -9.39 4.98
C THR A 141 15.05 -8.39 4.46
N LEU A 142 15.99 -8.01 5.31
CA LEU A 142 17.09 -7.15 4.89
C LEU A 142 18.29 -8.06 4.71
N HIS A 143 18.99 -7.94 3.59
CA HIS A 143 20.05 -8.86 3.31
C HIS A 143 21.07 -8.25 2.36
N LYS A 144 22.21 -8.90 2.27
CA LYS A 144 23.21 -8.49 1.30
C LYS A 144 22.81 -8.88 -0.09
N ILE A 145 23.12 -8.00 -1.02
CA ILE A 145 23.04 -8.37 -2.42
C ILE A 145 24.21 -9.26 -2.80
N ASP A 146 23.90 -10.42 -3.39
CA ASP A 146 24.92 -11.16 -4.10
C ASP A 146 24.48 -11.28 -5.54
N HIS A 147 25.17 -12.10 -6.31
CA HIS A 147 25.01 -12.11 -7.75
C HIS A 147 23.66 -12.63 -8.24
N GLY A 148 22.94 -13.33 -7.36
CA GLY A 148 21.75 -14.01 -7.80
C GLY A 148 20.49 -13.33 -7.28
N ILE A 149 19.40 -14.05 -7.43
CA ILE A 149 18.09 -13.50 -7.10
C ILE A 149 17.74 -13.71 -5.65
N ASP A 150 17.78 -12.63 -4.89
CA ASP A 150 17.36 -12.63 -3.48
C ASP A 150 18.04 -13.75 -2.64
N THR A 151 19.32 -13.97 -2.91
CA THR A 151 20.04 -15.09 -2.34
C THR A 151 21.09 -14.79 -1.27
N GLY A 152 21.40 -13.51 -1.06
CA GLY A 152 22.53 -13.09 -0.20
C GLY A 152 22.15 -13.18 1.26
N ALA A 153 23.19 -13.15 2.09
CA ALA A 153 23.03 -13.45 3.51
C ALA A 153 22.12 -12.45 4.16
N ILE A 154 21.43 -12.91 5.20
CA ILE A 154 20.40 -12.17 5.90
C ILE A 154 21.04 -11.41 7.05
N ILE A 155 20.64 -10.15 7.15
CA ILE A 155 21.09 -9.19 8.16
C ILE A 155 19.98 -9.12 9.20
N ASP A 156 18.73 -9.01 8.76
CA ASP A 156 17.58 -8.94 9.67
C ASP A 156 16.28 -9.29 8.92
N GLN A 157 15.26 -9.76 9.64
CA GLN A 157 13.94 -10.04 9.07
C GLN A 157 12.91 -10.05 10.17
N GLN A 158 11.68 -9.75 9.79
CA GLN A 158 10.55 -9.75 10.69
C GLN A 158 9.39 -10.39 9.96
N LYS A 159 8.59 -11.10 10.74
CA LYS A 159 7.45 -11.85 10.21
C LYS A 159 6.14 -11.32 10.77
N PHE A 160 5.04 -11.64 10.10
CA PHE A 160 3.76 -11.14 10.57
C PHE A 160 2.69 -12.05 9.98
N PRO A 161 1.52 -12.15 10.64
CA PRO A 161 0.50 -13.07 10.13
C PRO A 161 -0.32 -12.46 8.99
N LEU A 162 -0.83 -13.32 8.11
CA LEU A 162 -1.76 -12.91 7.10
C LEU A 162 -3.16 -12.98 7.70
N ASP A 163 -3.93 -11.96 7.43
CA ASP A 163 -5.32 -11.90 7.82
C ASP A 163 -6.14 -12.85 6.96
N ILE A 164 -7.29 -13.25 7.49
CA ILE A 164 -8.12 -14.19 6.78
C ILE A 164 -8.59 -13.65 5.42
N GLU A 165 -8.85 -12.35 5.31
CA GLU A 165 -9.26 -11.75 4.03
C GLU A 165 -8.17 -10.84 3.47
N GLU A 166 -6.93 -11.12 3.84
CA GLU A 166 -5.78 -10.51 3.16
C GLU A 166 -5.95 -10.51 1.65
N THR A 167 -5.56 -9.40 1.03
CA THR A 167 -5.47 -9.29 -0.42
C THR A 167 -4.06 -8.95 -0.79
N ALA A 168 -3.77 -9.02 -2.06
CA ALA A 168 -2.47 -8.60 -2.49
C ALA A 168 -2.17 -7.13 -2.14
N LYS A 169 -3.15 -6.25 -2.29
CA LYS A 169 -2.97 -4.86 -1.87
C LYS A 169 -2.71 -4.69 -0.36
N THR A 170 -3.52 -5.34 0.46
CA THR A 170 -3.30 -5.15 1.90
C THR A 170 -1.92 -5.70 2.31
N LEU A 171 -1.52 -6.79 1.67
CA LEU A 171 -0.26 -7.41 1.96
C LEU A 171 0.86 -6.49 1.55
N TYR A 172 0.74 -5.99 0.33
CA TYR A 172 1.74 -5.09 -0.17
C TYR A 172 1.99 -3.85 0.70
N LEU A 173 0.92 -3.23 1.18
CA LEU A 173 1.02 -2.14 2.14
C LEU A 173 1.70 -2.54 3.45
N LYS A 174 1.46 -3.77 3.89
CA LYS A 174 2.20 -4.26 5.08
C LYS A 174 3.69 -4.37 4.77
N TYR A 175 4.05 -4.88 3.60
CA TYR A 175 5.46 -4.90 3.23
C TYR A 175 6.13 -3.53 3.20
N ILE A 176 5.45 -2.55 2.60
CA ILE A 176 5.96 -1.20 2.48
C ILE A 176 6.27 -0.68 3.88
N LYS A 177 5.32 -0.93 4.76
CA LYS A 177 5.44 -0.41 6.10
C LYS A 177 6.54 -1.09 6.91
N ILE A 178 6.50 -2.42 6.99
CA ILE A 178 7.48 -3.20 7.76
C ILE A 178 8.88 -3.08 7.17
N GLY A 179 8.92 -3.04 5.84
CA GLY A 179 10.17 -2.79 5.14
C GLY A 179 10.83 -1.50 5.58
N THR A 180 10.02 -0.44 5.62
CA THR A 180 10.48 0.90 5.99
C THR A 180 11.06 0.87 7.40
N GLU A 181 10.33 0.24 8.31
CA GLU A 181 10.77 0.10 9.72
C GLU A 181 12.04 -0.71 9.92
N ILE A 182 12.11 -1.81 9.18
CA ILE A 182 13.23 -2.72 9.38
C ILE A 182 14.50 -2.02 8.86
N VAL A 183 14.34 -1.21 7.81
CA VAL A 183 15.51 -0.47 7.28
C VAL A 183 15.98 0.60 8.27
N ILE A 184 15.03 1.32 8.87
CA ILE A 184 15.39 2.43 9.74
C ILE A 184 16.04 1.89 11.00
N LYS A 185 15.55 0.75 11.49
CA LYS A 185 16.12 0.12 12.66
C LYS A 185 17.57 -0.31 12.39
N ASN A 186 17.84 -0.76 11.17
CA ASN A 186 19.15 -1.30 10.86
C ASN A 186 20.13 -0.32 10.26
N LEU A 187 19.66 0.83 9.79
CA LEU A 187 20.55 1.76 9.08
C LEU A 187 21.88 2.11 9.78
N PRO A 188 21.84 2.49 11.07
CA PRO A 188 23.06 2.88 11.81
C PRO A 188 24.10 1.77 11.78
N ALA A 189 23.63 0.54 11.89
CA ALA A 189 24.46 -0.65 11.89
C ALA A 189 25.11 -0.89 10.52
N LEU A 190 24.39 -0.61 9.44
CA LEU A 190 24.93 -0.75 8.09
C LEU A 190 25.98 0.32 7.82
N ILE A 191 25.65 1.54 8.22
CA ILE A 191 26.56 2.68 8.14
C ILE A 191 27.81 2.43 8.97
N SER A 192 27.67 1.96 10.21
CA SER A 192 28.86 1.66 11.02
C SER A 192 29.60 0.40 10.58
N GLY A 193 28.91 -0.53 9.93
CA GLY A 193 29.52 -1.82 9.63
C GLY A 193 29.39 -2.84 10.76
N ASN A 194 28.70 -2.47 11.82
CA ASN A 194 28.52 -3.33 12.97
C ASN A 194 27.20 -4.12 12.91
N TYR A 195 27.14 -5.08 12.00
CA TYR A 195 25.97 -5.94 11.83
C TYR A 195 26.44 -7.36 11.55
N SER A 196 25.57 -8.34 11.84
CA SER A 196 25.85 -9.74 11.59
C SER A 196 25.12 -10.25 10.33
N ILE A 197 25.62 -11.34 9.78
CA ILE A 197 24.91 -11.99 8.70
C ILE A 197 24.73 -13.47 8.97
N VAL A 198 23.74 -14.06 8.32
CA VAL A 198 23.64 -15.49 8.31
C VAL A 198 23.28 -15.96 6.92
N GLU A 199 24.01 -16.96 6.44
CA GLU A 199 23.76 -17.46 5.09
C GLU A 199 22.34 -18.03 5.01
N GLN A 200 21.71 -17.88 3.85
CA GLN A 200 20.36 -18.40 3.68
C GLN A 200 20.37 -19.93 3.53
N SER A 201 19.55 -20.59 4.32
CA SER A 201 19.37 -22.03 4.16
C SER A 201 18.84 -22.39 2.77
N ALA A 202 19.16 -23.62 2.38
CA ALA A 202 18.65 -24.22 1.17
C ALA A 202 17.23 -24.71 1.41
N ILE A 203 16.95 -25.02 2.67
CA ILE A 203 15.73 -25.73 3.02
C ILE A 203 14.60 -24.74 3.10
N LYS A 204 13.45 -25.06 2.52
CA LYS A 204 12.34 -24.10 2.58
C LYS A 204 12.61 -22.86 1.68
N SER A 205 13.62 -22.93 0.80
CA SER A 205 13.91 -21.87 -0.18
C SER A 205 12.93 -22.07 -1.34
N SER A 206 12.27 -21.00 -1.78
CA SER A 206 11.33 -21.03 -2.90
C SER A 206 11.46 -19.75 -3.68
N TYR A 207 11.06 -19.82 -4.94
CA TYR A 207 11.23 -18.74 -5.89
C TYR A 207 10.08 -18.82 -6.87
N TYR A 208 9.50 -17.68 -7.19
CA TYR A 208 8.64 -17.54 -8.36
C TYR A 208 9.15 -16.48 -9.34
N SER A 209 9.06 -16.78 -10.64
CA SER A 209 9.43 -15.84 -11.71
C SER A 209 8.33 -14.96 -12.29
N LYS A 210 8.75 -14.09 -13.21
CA LYS A 210 7.87 -13.19 -13.94
C LYS A 210 6.78 -13.96 -14.61
N LYS A 211 7.12 -15.16 -15.02
CA LYS A 211 6.22 -15.93 -15.84
C LYS A 211 5.25 -16.69 -14.97
N SER A 212 5.44 -16.68 -13.64
CA SER A 212 4.62 -17.53 -12.80
C SER A 212 3.18 -17.03 -12.73
N ILE A 213 2.96 -15.75 -13.01
CA ILE A 213 1.61 -15.17 -13.10
C ILE A 213 1.51 -14.24 -14.29
N ASP A 214 0.48 -14.44 -15.11
CA ASP A 214 0.25 -13.53 -16.23
C ASP A 214 -0.86 -12.54 -15.86
N TYR A 215 -0.46 -11.38 -15.40
CA TYR A 215 -1.48 -10.44 -14.98
C TYR A 215 -2.29 -9.87 -16.15
N LYS A 216 -1.77 -9.98 -17.37
CA LYS A 216 -2.45 -9.46 -18.56
C LYS A 216 -3.41 -10.46 -19.16
N ASN A 217 -3.33 -11.70 -18.71
CA ASN A 217 -4.38 -12.65 -19.01
C ASN A 217 -4.66 -13.52 -17.80
N LEU A 218 -5.22 -12.91 -16.76
CA LEU A 218 -5.47 -13.59 -15.49
C LEU A 218 -6.66 -14.51 -15.60
N MET A 219 -6.46 -15.78 -15.29
CA MET A 219 -7.58 -16.71 -15.17
C MET A 219 -7.71 -17.24 -13.75
N ILE A 220 -8.93 -17.24 -13.22
CA ILE A 220 -9.23 -17.95 -12.00
C ILE A 220 -9.63 -19.38 -12.37
N ASP A 221 -8.99 -20.33 -11.71
CA ASP A 221 -9.29 -21.73 -11.94
C ASP A 221 -10.45 -22.07 -11.05
N LEU A 222 -11.57 -22.33 -11.70
CA LEU A 222 -12.82 -22.62 -11.03
C LEU A 222 -13.06 -24.12 -10.78
N ASN A 223 -12.17 -24.96 -11.30
CA ASN A 223 -12.24 -26.39 -11.03
C ASN A 223 -11.36 -26.66 -9.82
N LYS A 224 -11.84 -26.06 -8.73
CA LYS A 224 -11.10 -25.98 -7.49
C LYS A 224 -12.09 -25.89 -6.33
N THR A 225 -11.57 -25.96 -5.11
CA THR A 225 -12.45 -25.86 -3.94
C THR A 225 -12.85 -24.40 -3.72
N ALA A 226 -13.96 -24.17 -3.02
CA ALA A 226 -14.35 -22.85 -2.60
C ALA A 226 -13.19 -22.06 -1.98
N HIS A 227 -12.56 -22.64 -0.97
CA HIS A 227 -11.42 -21.96 -0.38
C HIS A 227 -10.31 -21.58 -1.38
N GLU A 228 -9.93 -22.50 -2.27
CA GLU A 228 -8.91 -22.24 -3.29
C GLU A 228 -9.36 -21.12 -4.24
N ILE A 229 -10.65 -21.09 -4.59
CA ILE A 229 -11.10 -20.07 -5.49
C ILE A 229 -11.01 -18.70 -4.76
N LEU A 230 -11.44 -18.64 -3.50
CA LEU A 230 -11.42 -17.39 -2.80
C LEU A 230 -9.97 -16.88 -2.60
N GLN A 231 -9.06 -17.81 -2.32
CA GLN A 231 -7.64 -17.46 -2.15
C GLN A 231 -7.13 -16.85 -3.46
N GLN A 232 -7.56 -17.39 -4.60
CA GLN A 232 -7.13 -16.79 -5.88
C GLN A 232 -7.74 -15.40 -6.12
N ILE A 233 -9.04 -15.22 -5.88
CA ILE A 233 -9.72 -13.94 -5.83
C ILE A 233 -9.01 -12.86 -5.04
N ARG A 234 -8.70 -13.18 -3.78
CA ARG A 234 -8.04 -12.28 -2.87
C ARG A 234 -6.60 -12.04 -3.27
N ALA A 235 -5.90 -13.05 -3.78
CA ALA A 235 -4.52 -12.88 -4.27
C ALA A 235 -4.45 -11.88 -5.42
N PHE A 236 -5.48 -11.91 -6.28
CA PHE A 236 -5.62 -11.00 -7.41
C PHE A 236 -6.39 -9.71 -7.16
N THR A 237 -6.82 -9.45 -5.93
CA THR A 237 -7.38 -8.18 -5.56
C THR A 237 -6.38 -7.08 -5.16
N PHE A 238 -6.17 -6.17 -6.12
CA PHE A 238 -5.28 -5.03 -5.89
C PHE A 238 -5.78 -3.89 -6.78
N ARG A 239 -6.71 -3.11 -6.25
CA ARG A 239 -7.58 -2.27 -7.10
C ARG A 239 -6.78 -1.41 -8.11
N ASP A 240 -5.64 -0.85 -7.70
CA ASP A 240 -4.90 0.03 -8.61
C ASP A 240 -4.44 -0.72 -9.87
N TYR A 241 -4.15 -2.01 -9.75
CA TYR A 241 -3.79 -2.82 -10.90
C TYR A 241 -5.02 -3.49 -11.49
N GLN A 242 -5.71 -4.31 -10.71
CA GLN A 242 -6.89 -4.99 -11.24
C GLN A 242 -7.75 -5.57 -10.13
N LEU A 243 -9.02 -5.81 -10.48
CA LEU A 243 -9.87 -6.73 -9.74
C LEU A 243 -10.06 -8.03 -10.53
N PRO A 244 -10.21 -9.16 -9.82
CA PRO A 244 -10.56 -10.34 -10.59
C PRO A 244 -11.94 -10.18 -11.22
N ARG A 245 -12.03 -10.59 -12.49
CA ARG A 245 -13.25 -10.51 -13.28
C ARG A 245 -13.68 -11.90 -13.68
N ILE A 246 -14.91 -12.27 -13.36
CA ILE A 246 -15.46 -13.54 -13.77
C ILE A 246 -16.80 -13.33 -14.46
N ASP A 247 -16.98 -13.94 -15.62
CA ASP A 247 -18.20 -13.78 -16.42
C ASP A 247 -18.54 -12.30 -16.59
N ASP A 248 -17.52 -11.53 -16.98
CA ASP A 248 -17.62 -10.08 -17.20
C ASP A 248 -18.01 -9.22 -15.99
N ILE A 249 -17.82 -9.72 -14.78
CA ILE A 249 -18.17 -8.94 -13.58
C ILE A 249 -16.91 -8.75 -12.75
N ASP A 250 -16.59 -7.51 -12.38
CA ASP A 250 -15.48 -7.27 -11.43
C ASP A 250 -15.93 -7.74 -10.04
N ILE A 251 -15.09 -8.50 -9.34
CA ILE A 251 -15.42 -9.05 -8.03
C ILE A 251 -14.63 -8.38 -6.91
N PHE A 252 -15.30 -8.05 -5.79
CA PHE A 252 -14.59 -7.48 -4.62
C PHE A 252 -15.04 -8.28 -3.42
N HIS A 253 -14.24 -9.30 -3.15
CA HIS A 253 -14.46 -10.25 -2.07
C HIS A 253 -15.66 -11.18 -2.28
N GLY A 254 -15.81 -12.10 -1.35
CA GLY A 254 -16.93 -13.03 -1.40
C GLY A 254 -16.98 -13.92 -0.18
N GLU A 255 -17.74 -14.99 -0.27
CA GLU A 255 -17.93 -15.88 0.87
C GLU A 255 -18.26 -17.31 0.43
N ILE A 256 -17.99 -18.24 1.34
CA ILE A 256 -18.29 -19.66 1.13
C ILE A 256 -19.69 -19.97 1.66
N LEU A 257 -20.58 -20.49 0.82
CA LEU A 257 -21.91 -20.81 1.33
C LEU A 257 -21.92 -22.23 1.92
N SER A 258 -23.08 -22.65 2.41
CA SER A 258 -23.21 -23.98 2.98
C SER A 258 -23.84 -24.96 1.99
N SER A 259 -24.49 -24.45 0.94
CA SER A 259 -25.03 -25.27 -0.14
C SER A 259 -23.91 -25.92 -0.94
N LYS A 260 -24.26 -27.02 -1.63
CA LYS A 260 -23.34 -27.79 -2.44
C LYS A 260 -24.00 -28.34 -3.70
N SER A 261 -24.03 -27.51 -4.73
CA SER A 261 -24.66 -27.86 -5.98
C SER A 261 -24.03 -29.19 -6.45
N LEU A 262 -24.83 -29.98 -7.17
CA LEU A 262 -24.36 -31.22 -7.74
C LEU A 262 -23.75 -30.92 -9.10
N SER A 263 -24.08 -29.75 -9.64
CA SER A 263 -23.54 -29.27 -10.92
C SER A 263 -22.03 -29.19 -10.88
N LYS A 264 -21.45 -29.06 -12.06
CA LYS A 264 -20.01 -29.10 -12.17
C LYS A 264 -19.34 -27.79 -11.72
N PRO A 265 -18.20 -27.94 -11.03
CA PRO A 265 -17.47 -26.75 -10.57
C PRO A 265 -17.47 -25.73 -11.69
N GLY A 266 -17.65 -24.44 -11.41
CA GLY A 266 -17.64 -23.43 -12.47
C GLY A 266 -19.04 -23.09 -12.98
N THR A 267 -20.01 -23.94 -12.66
CA THR A 267 -21.38 -23.63 -13.08
C THR A 267 -21.91 -22.40 -12.34
N ILE A 268 -22.37 -21.41 -13.11
CA ILE A 268 -23.02 -20.21 -12.58
C ILE A 268 -24.44 -20.55 -12.13
N LEU A 269 -24.68 -20.51 -10.84
CA LEU A 269 -25.98 -20.89 -10.27
C LEU A 269 -26.90 -19.66 -10.20
N GLU A 270 -26.27 -18.50 -10.02
CA GLU A 270 -26.99 -17.24 -10.00
C GLU A 270 -26.07 -16.10 -10.44
N LYS A 271 -26.60 -15.20 -11.26
CA LYS A 271 -25.92 -13.99 -11.70
C LYS A 271 -26.87 -12.78 -11.71
N ASN A 272 -26.57 -11.78 -10.89
CA ASN A 272 -27.30 -10.50 -10.94
C ASN A 272 -26.38 -9.30 -10.70
N ASN A 273 -26.97 -8.12 -10.51
CA ASN A 273 -26.23 -6.87 -10.27
C ASN A 273 -25.34 -6.96 -9.02
N TYR A 274 -25.78 -7.74 -8.05
CA TYR A 274 -25.11 -7.81 -6.77
C TYR A 274 -24.01 -8.86 -6.65
N HIS A 275 -24.15 -9.98 -7.35
CA HIS A 275 -23.27 -11.11 -7.11
C HIS A 275 -23.38 -12.24 -8.09
N LEU A 276 -22.37 -13.11 -8.03
CA LEU A 276 -22.30 -14.36 -8.76
C LEU A 276 -22.33 -15.47 -7.71
N ILE A 277 -23.08 -16.53 -7.94
CA ILE A 277 -22.92 -17.74 -7.16
C ILE A 277 -22.52 -18.88 -8.09
N LEU A 278 -21.44 -19.53 -7.67
CA LEU A 278 -20.81 -20.59 -8.43
C LEU A 278 -20.82 -21.89 -7.64
N SER A 279 -21.02 -22.99 -8.37
CA SER A 279 -20.71 -24.33 -7.93
C SER A 279 -19.19 -24.52 -7.91
N THR A 280 -18.67 -25.18 -6.89
CA THR A 280 -17.26 -25.55 -6.85
C THR A 280 -17.04 -27.08 -6.68
N ILE A 281 -15.80 -27.51 -6.49
CA ILE A 281 -15.53 -28.90 -6.05
C ILE A 281 -16.22 -29.30 -4.74
N ASP A 282 -16.31 -28.38 -3.77
CA ASP A 282 -17.02 -28.69 -2.52
C ASP A 282 -18.23 -27.76 -2.34
N TYR A 283 -18.09 -26.68 -1.58
CA TYR A 283 -19.20 -25.72 -1.24
C TYR A 283 -19.41 -24.63 -2.27
N ASP A 284 -20.66 -24.25 -2.51
CA ASP A 284 -20.93 -23.12 -3.37
C ASP A 284 -20.27 -21.83 -2.82
N ILE A 285 -19.86 -20.97 -3.73
CA ILE A 285 -19.31 -19.68 -3.35
C ILE A 285 -20.16 -18.54 -3.85
N LYS A 286 -20.21 -17.48 -3.05
CA LYS A 286 -20.86 -16.24 -3.48
C LYS A 286 -19.85 -15.13 -3.65
N LEU A 287 -19.77 -14.59 -4.87
CA LEU A 287 -18.74 -13.63 -5.22
C LEU A 287 -19.40 -12.27 -5.48
N TYR A 288 -19.00 -11.26 -4.70
CA TYR A 288 -19.64 -9.93 -4.71
C TYR A 288 -19.19 -9.09 -5.90
N SER A 289 -20.12 -8.58 -6.68
CA SER A 289 -19.71 -7.58 -7.66
C SER A 289 -19.14 -6.37 -6.91
N ASP A 290 -18.18 -5.72 -7.56
CA ASP A 290 -17.58 -4.49 -7.02
C ASP A 290 -18.58 -3.33 -7.13
N ASN A 291 -18.93 -2.70 -6.02
CA ASN A 291 -19.76 -1.52 -6.08
C ASN A 291 -19.09 -0.32 -5.40
N PHE A 292 -17.80 -0.21 -5.59
CA PHE A 292 -17.08 0.82 -4.90
C PHE A 292 -17.51 2.21 -5.34
N ASP A 293 -17.70 2.41 -6.64
CA ASP A 293 -18.15 3.70 -7.17
C ASP A 293 -19.46 4.11 -6.49
N GLU A 294 -20.38 3.16 -6.34
CA GLU A 294 -21.71 3.39 -5.72
C GLU A 294 -21.59 3.78 -4.25
N ILE A 295 -20.75 3.06 -3.53
CA ILE A 295 -20.39 3.46 -2.17
C ILE A 295 -19.84 4.91 -2.04
N LEU A 296 -18.85 5.28 -2.86
CA LEU A 296 -18.32 6.65 -2.77
C LEU A 296 -19.46 7.67 -2.96
N THR A 297 -20.24 7.52 -4.03
CA THR A 297 -21.40 8.36 -4.27
C THR A 297 -22.36 8.41 -3.09
N ALA A 298 -22.66 7.27 -2.48
CA ALA A 298 -23.54 7.26 -1.32
C ALA A 298 -22.94 8.09 -0.20
N CYS A 299 -21.61 8.09 -0.05
CA CYS A 299 -21.09 8.78 1.10
C CYS A 299 -21.35 10.31 1.00
N GLU A 300 -21.68 10.82 -0.19
CA GLU A 300 -21.93 12.26 -0.39
C GLU A 300 -23.01 12.74 0.55
N ASP A 301 -24.12 12.00 0.60
CA ASP A 301 -25.31 12.44 1.34
C ASP A 301 -26.25 11.38 1.92
N LYS A 302 -25.86 10.11 1.98
CA LYS A 302 -26.76 9.10 2.53
C LYS A 302 -26.39 8.80 3.94
N SER A 303 -27.29 8.08 4.60
CA SER A 303 -27.08 7.70 6.01
C SER A 303 -26.13 6.53 6.15
N PRO A 304 -25.56 6.36 7.34
CA PRO A 304 -24.85 5.14 7.72
C PRO A 304 -25.75 3.92 7.47
N GLU A 305 -27.05 4.05 7.75
CA GLU A 305 -27.94 2.92 7.55
C GLU A 305 -27.94 2.50 6.08
N PHE A 306 -28.12 3.47 5.19
CA PHE A 306 -28.17 3.23 3.75
C PHE A 306 -26.88 2.56 3.27
N ILE A 307 -25.73 3.08 3.72
CA ILE A 307 -24.45 2.52 3.33
C ILE A 307 -24.20 1.10 3.83
N SER A 308 -24.68 0.78 5.03
CA SER A 308 -24.44 -0.54 5.59
C SER A 308 -25.19 -1.61 4.79
N LYS A 309 -26.30 -1.23 4.19
CA LYS A 309 -27.04 -2.14 3.35
C LYS A 309 -26.49 -2.21 1.94
N LEU A 310 -25.87 -1.14 1.48
CA LEU A 310 -25.32 -1.11 0.13
C LEU A 310 -24.07 -2.01 0.02
N LEU A 311 -23.25 -1.96 1.07
CA LEU A 311 -22.02 -2.70 1.08
C LEU A 311 -22.30 -4.19 1.22
N LYS A 312 -21.48 -5.01 0.56
CA LYS A 312 -21.53 -6.46 0.71
C LYS A 312 -20.43 -7.03 1.58
N THR A 313 -19.36 -6.25 1.72
CA THR A 313 -18.25 -6.54 2.60
C THR A 313 -17.72 -5.25 3.23
N GLU A 314 -17.46 -5.26 4.53
CA GLU A 314 -16.92 -4.09 5.17
C GLU A 314 -15.51 -3.72 4.67
N ASN A 315 -14.83 -4.60 3.96
CA ASN A 315 -13.58 -4.21 3.30
C ASN A 315 -13.69 -3.00 2.36
N ILE A 316 -14.89 -2.79 1.80
CA ILE A 316 -15.11 -1.77 0.79
C ILE A 316 -15.06 -0.35 1.40
N LEU A 317 -15.13 -0.29 2.73
CA LEU A 317 -15.11 0.99 3.43
C LEU A 317 -13.67 1.50 3.56
N PHE A 318 -12.69 0.63 3.33
CA PHE A 318 -11.31 1.08 3.33
C PHE A 318 -10.74 1.16 1.93
N GLU A 319 -11.57 1.04 0.87
CA GLU A 319 -10.99 1.20 -0.46
C GLU A 319 -10.80 2.65 -0.86
N LYS A 320 -9.91 2.90 -1.84
CA LYS A 320 -9.60 4.22 -2.37
C LYS A 320 -9.53 4.21 -3.89
N ASN A 321 -9.94 5.31 -4.51
CA ASN A 321 -9.97 5.40 -5.96
C ASN A 321 -8.60 5.87 -6.42
N HIS A 322 -8.48 6.15 -7.72
CA HIS A 322 -7.20 6.52 -8.28
C HIS A 322 -6.59 7.82 -7.72
N LEU A 323 -7.39 8.68 -7.11
CA LEU A 323 -6.88 9.89 -6.45
C LEU A 323 -6.48 9.66 -4.99
N GLY A 324 -6.86 8.51 -4.44
CA GLY A 324 -6.74 8.27 -3.02
C GLY A 324 -8.00 8.61 -2.27
N TRP A 325 -9.10 8.88 -2.97
CA TRP A 325 -10.37 9.18 -2.26
C TRP A 325 -10.96 7.92 -1.61
N SER A 326 -11.13 7.94 -0.29
CA SER A 326 -11.80 6.87 0.45
C SER A 326 -13.20 7.35 0.79
N PRO A 327 -14.05 6.41 1.21
CA PRO A 327 -15.35 6.82 1.76
C PRO A 327 -15.31 7.99 2.77
N ILE A 328 -14.44 7.91 3.77
CA ILE A 328 -14.34 8.97 4.77
C ILE A 328 -13.94 10.31 4.14
N ILE A 329 -13.05 10.30 3.14
CA ILE A 329 -12.68 11.53 2.44
C ILE A 329 -13.90 12.13 1.68
N ILE A 330 -14.73 11.28 1.09
CA ILE A 330 -15.95 11.78 0.46
C ILE A 330 -16.87 12.37 1.56
N ALA A 331 -17.12 11.63 2.62
CA ALA A 331 -18.07 12.12 3.63
C ALA A 331 -17.61 13.48 4.18
N ALA A 332 -16.29 13.63 4.41
CA ALA A 332 -15.73 14.86 4.91
C ALA A 332 -15.89 16.06 3.96
N TYR A 333 -15.49 15.89 2.70
CA TYR A 333 -15.64 16.91 1.68
C TYR A 333 -17.11 17.34 1.52
N HIS A 334 -18.04 16.43 1.76
CA HIS A 334 -19.48 16.76 1.70
C HIS A 334 -20.15 17.01 3.03
N GLY A 335 -19.36 17.01 4.09
CA GLY A 335 -19.87 17.37 5.40
C GLY A 335 -20.92 16.39 5.87
N ASN A 336 -20.77 15.12 5.50
CA ASN A 336 -21.73 14.09 5.92
C ASN A 336 -21.30 13.54 7.27
N MET A 337 -21.74 14.20 8.33
CA MET A 337 -21.23 13.98 9.67
C MET A 337 -21.58 12.59 10.21
N ASP A 338 -22.79 12.13 9.97
CA ASP A 338 -23.14 10.82 10.46
C ASP A 338 -22.26 9.73 9.85
N VAL A 339 -21.89 9.89 8.59
CA VAL A 339 -21.13 8.84 7.92
C VAL A 339 -19.68 8.89 8.40
N ILE A 340 -19.20 10.10 8.68
CA ILE A 340 -17.86 10.22 9.17
C ILE A 340 -17.70 9.45 10.47
N GLU A 341 -18.62 9.70 11.42
CA GLU A 341 -18.55 9.08 12.74
C GLU A 341 -18.72 7.57 12.66
N TRP A 342 -19.70 7.12 11.89
CA TRP A 342 -19.91 5.68 11.67
C TRP A 342 -18.65 4.98 11.11
N LEU A 343 -18.05 5.61 10.09
CA LEU A 343 -16.86 5.01 9.49
C LEU A 343 -15.76 4.90 10.55
N VAL A 344 -15.61 5.94 11.34
CA VAL A 344 -14.61 5.89 12.41
C VAL A 344 -14.92 4.73 13.37
N SER A 345 -16.20 4.46 13.60
CA SER A 345 -16.58 3.42 14.56
C SER A 345 -16.24 2.06 13.95
N LYS A 346 -16.03 2.00 12.64
CA LYS A 346 -15.65 0.74 12.02
C LYS A 346 -14.17 0.61 11.82
N GLY A 347 -13.41 1.53 12.42
CA GLY A 347 -11.94 1.47 12.43
C GLY A 347 -11.24 2.22 11.32
N VAL A 348 -12.00 2.97 10.53
CA VAL A 348 -11.43 3.88 9.56
C VAL A 348 -10.62 5.01 10.21
N ASN A 349 -9.49 5.35 9.61
CA ASN A 349 -8.66 6.44 10.14
C ASN A 349 -9.29 7.85 9.92
N ILE A 350 -9.55 8.57 11.01
CA ILE A 350 -10.14 9.90 10.93
C ILE A 350 -9.18 10.91 10.29
N ASN A 351 -7.90 10.57 10.28
CA ASN A 351 -6.89 11.36 9.61
C ASN A 351 -6.39 10.71 8.34
N ASP A 352 -7.28 10.00 7.66
CA ASP A 352 -6.99 9.46 6.32
C ASP A 352 -6.50 10.57 5.33
N ARG A 353 -5.73 10.16 4.33
CA ARG A 353 -5.19 11.08 3.35
C ARG A 353 -5.38 10.53 1.93
N ASN A 354 -5.42 11.42 0.95
CA ASN A 354 -5.40 10.95 -0.40
C ASN A 354 -3.93 10.73 -0.80
N TYR A 355 -3.69 10.58 -2.10
CA TYR A 355 -2.37 10.22 -2.59
C TYR A 355 -1.43 11.42 -2.72
N LYS A 356 -1.96 12.63 -2.55
CA LYS A 356 -1.17 13.88 -2.45
C LYS A 356 -0.92 14.32 -1.00
N GLY A 357 -1.33 13.49 -0.07
CA GLY A 357 -1.24 13.72 1.38
C GLY A 357 -2.29 14.61 2.04
N THR A 358 -3.30 15.00 1.27
CA THR A 358 -4.33 15.91 1.70
C THR A 358 -5.19 15.14 2.67
N THR A 359 -5.48 15.69 3.86
CA THR A 359 -6.10 14.96 4.96
C THR A 359 -7.61 15.15 5.00
N VAL A 360 -8.28 14.32 5.79
CA VAL A 360 -9.68 14.52 6.13
C VAL A 360 -10.00 15.94 6.58
N ALA A 361 -9.19 16.51 7.48
CA ALA A 361 -9.42 17.85 8.03
C ALA A 361 -9.40 18.92 6.92
N MET A 362 -8.49 18.76 5.98
CA MET A 362 -8.42 19.62 4.78
C MET A 362 -9.66 19.57 3.95
N TYR A 363 -10.16 18.37 3.66
CA TYR A 363 -11.48 18.18 3.02
C TYR A 363 -12.62 18.74 3.84
N PHE A 364 -12.62 18.48 5.14
CA PHE A 364 -13.76 18.94 5.96
C PHE A 364 -13.71 20.48 6.08
N LYS A 365 -12.51 21.06 6.11
CA LYS A 365 -12.40 22.53 6.10
C LYS A 365 -13.07 23.11 4.84
N ASP A 366 -12.93 22.48 3.69
CA ASP A 366 -13.55 22.96 2.47
CA ASP A 366 -13.55 23.01 2.48
C ASP A 366 -15.06 22.99 2.62
N TYR A 367 -15.59 21.99 3.28
CA TYR A 367 -17.02 21.94 3.48
C TYR A 367 -17.43 23.07 4.38
N MET A 368 -16.67 23.27 5.46
CA MET A 368 -16.95 24.37 6.37
C MET A 368 -16.99 25.67 5.57
N LEU A 369 -15.98 25.89 4.72
CA LEU A 369 -15.88 27.12 3.92
C LEU A 369 -17.06 27.36 2.98
N ARG A 370 -17.36 26.33 2.19
CA ARG A 370 -18.42 26.37 1.18
C ARG A 370 -19.78 26.51 1.86
N SER A 371 -19.99 25.82 2.97
CA SER A 371 -21.32 25.78 3.59
C SER A 371 -21.54 26.89 4.63
N GLY A 372 -20.47 27.29 5.32
CA GLY A 372 -20.58 28.25 6.42
C GLY A 372 -21.06 27.63 7.71
N ASN A 373 -21.14 26.30 7.69
CA ASN A 373 -21.49 25.57 8.90
C ASN A 373 -20.24 25.07 9.60
N TYR A 374 -19.91 25.68 10.74
CA TYR A 374 -18.71 25.29 11.47
C TYR A 374 -19.02 24.33 12.65
N THR A 375 -20.27 23.91 12.80
CA THR A 375 -20.72 23.27 14.06
C THR A 375 -20.23 21.84 14.31
N GLY A 376 -19.83 21.13 13.25
CA GLY A 376 -19.39 19.74 13.36
C GLY A 376 -17.94 19.55 13.77
N LEU A 377 -17.11 20.59 13.63
CA LEU A 377 -15.68 20.41 13.79
C LEU A 377 -15.34 19.86 15.19
N GLU A 378 -16.01 20.35 16.22
CA GLU A 378 -15.67 19.95 17.60
C GLU A 378 -15.74 18.43 17.81
N ASN A 379 -16.84 17.84 17.35
CA ASN A 379 -17.03 16.40 17.35
C ASN A 379 -15.87 15.64 16.77
N LEU A 380 -15.43 16.11 15.60
CA LEU A 380 -14.40 15.42 14.89
C LEU A 380 -13.07 15.52 15.66
N ILE A 381 -12.80 16.70 16.19
CA ILE A 381 -11.58 16.89 17.00
C ILE A 381 -11.62 15.90 18.15
N ASN A 382 -12.78 15.83 18.79
CA ASN A 382 -12.97 14.89 19.91
C ASN A 382 -12.71 13.47 19.44
N LEU A 383 -13.06 13.13 18.19
CA LEU A 383 -12.74 11.80 17.68
C LEU A 383 -11.29 11.61 17.27
N GLY A 384 -10.50 12.68 17.30
CA GLY A 384 -9.07 12.59 17.04
C GLY A 384 -8.61 13.24 15.75
N LEU A 385 -9.46 14.05 15.14
CA LEU A 385 -9.07 14.79 13.94
C LEU A 385 -7.85 15.64 14.25
N ASP A 386 -6.84 15.54 13.38
CA ASP A 386 -5.58 16.23 13.55
C ASP A 386 -5.45 17.38 12.55
N LEU A 387 -5.47 18.60 13.07
CA LEU A 387 -5.39 19.81 12.28
C LEU A 387 -3.98 20.21 11.85
N PHE A 388 -2.98 19.53 12.39
CA PHE A 388 -1.59 19.96 12.28
C PHE A 388 -0.72 19.16 11.30
N LEU A 389 -1.32 18.19 10.64
CA LEU A 389 -0.68 17.42 9.60
C LEU A 389 -0.40 18.28 8.36
N LYS A 390 0.58 17.85 7.56
CA LYS A 390 0.96 18.51 6.32
C LYS A 390 0.88 17.56 5.14
N ASP A 391 0.37 18.07 4.03
CA ASP A 391 0.34 17.31 2.81
C ASP A 391 1.73 17.13 2.20
N ASN A 392 1.75 16.58 0.99
CA ASN A 392 3.02 16.29 0.34
C ASN A 392 3.75 17.55 -0.04
N GLU A 393 3.02 18.66 -0.21
CA GLU A 393 3.66 19.95 -0.43
C GLU A 393 4.19 20.57 0.85
N GLY A 394 3.99 19.95 2.01
CA GLY A 394 4.41 20.52 3.29
C GLY A 394 3.53 21.63 3.87
N LEU A 395 2.29 21.73 3.40
CA LEU A 395 1.33 22.70 3.92
C LEU A 395 0.28 22.08 4.84
N SER A 396 -0.06 22.79 5.92
CA SER A 396 -1.17 22.40 6.79
C SER A 396 -2.45 23.08 6.35
N VAL A 397 -3.56 22.72 7.00
CA VAL A 397 -4.82 23.42 6.78
C VAL A 397 -4.72 24.95 7.02
N PHE A 398 -3.87 25.35 7.96
CA PHE A 398 -3.68 26.75 8.31
C PHE A 398 -2.94 27.51 7.17
N ASP A 399 -1.91 26.88 6.61
CA ASP A 399 -1.22 27.47 5.48
C ASP A 399 -2.20 27.73 4.33
N TYR A 400 -3.10 26.79 4.07
CA TYR A 400 -4.14 27.06 3.08
C TYR A 400 -5.04 28.21 3.43
N MET A 401 -5.57 28.24 4.65
CA MET A 401 -6.50 29.31 4.94
C MET A 401 -5.77 30.66 4.94
N ARG A 402 -4.53 30.72 5.40
CA ARG A 402 -3.82 31.98 5.39
C ARG A 402 -3.75 32.49 3.94
N LYS A 403 -3.25 31.60 3.09
CA LYS A 403 -2.95 31.85 1.67
C LYS A 403 -4.17 32.36 0.91
N ASN A 404 -5.31 31.76 1.22
CA ASN A 404 -6.57 32.08 0.59
C ASN A 404 -7.36 33.15 1.34
N LYS A 405 -6.74 33.68 2.38
CA LYS A 405 -7.31 34.78 3.17
C LYS A 405 -8.69 34.47 3.75
N ASN A 406 -8.81 33.28 4.34
CA ASN A 406 -10.04 32.83 4.98
C ASN A 406 -9.80 32.87 6.49
N ILE A 407 -9.80 34.09 7.02
CA ILE A 407 -9.19 34.40 8.31
C ILE A 407 -10.19 34.10 9.43
N GLU A 408 -11.48 34.21 9.17
CA GLU A 408 -12.46 33.92 10.20
C GLU A 408 -12.55 32.41 10.45
N LEU A 409 -12.52 31.63 9.37
CA LEU A 409 -12.39 30.17 9.50
C LEU A 409 -11.03 29.78 10.12
N PHE A 410 -9.93 30.41 9.71
CA PHE A 410 -8.61 30.14 10.31
C PHE A 410 -8.71 30.25 11.82
N ASN A 411 -9.36 31.33 12.27
CA ASN A 411 -9.34 31.66 13.69
C ASN A 411 -10.29 30.77 14.48
N PHE A 412 -11.44 30.45 13.89
CA PHE A 412 -12.35 29.51 14.51
C PHE A 412 -11.71 28.12 14.66
N MET A 413 -10.99 27.66 13.64
CA MET A 413 -10.29 26.40 13.71
C MET A 413 -9.12 26.45 14.69
N SER A 414 -8.55 27.64 14.91
CA SER A 414 -7.38 27.78 15.76
C SER A 414 -7.68 27.65 17.27
N THR A 415 -8.94 27.70 17.68
CA THR A 415 -9.27 27.68 19.11
C THR A 415 -9.12 26.28 19.68
N PHE A 416 -9.21 25.28 18.82
CA PHE A 416 -9.20 23.88 19.24
C PHE A 416 -7.83 23.31 19.54
N ASN A 417 -7.72 22.53 20.61
CA ASN A 417 -6.47 21.87 20.92
C ASN A 417 -6.19 20.60 20.12
O2B T3F B . -5.20 16.86 -2.84
PB T3F B . -5.98 17.96 -3.46
O1B T3F B . -5.31 18.61 -4.67
O3B T3F B . -6.29 19.05 -2.32
C1Q T3F B . -6.82 20.33 -2.60
O5Q T3F B . -8.23 20.24 -2.44
C5Q T3F B . -8.62 20.07 -1.08
C6Q T3F B . -10.13 20.08 -1.00
C2Q T3F B . -6.16 21.36 -1.70
O2Q T3F B . -4.74 21.24 -1.82
C3Q T3F B . -6.55 21.17 -0.23
N3Q T3F B . -6.04 22.26 0.60
C4Q T3F B . -8.06 21.14 -0.13
O4Q T3F B . -8.53 22.44 -0.52
O3A T3F B . -7.50 17.67 -3.96
PA T3F B . -8.00 16.27 -4.62
O1A T3F B . -7.05 15.87 -5.70
O2A T3F B . -8.22 15.21 -3.57
O5' T3F B . -9.40 16.64 -5.26
C5' T3F B . -9.36 17.31 -6.51
C4' T3F B . -10.54 18.25 -6.50
O4' T3F B . -11.73 17.49 -6.39
C3' T3F B . -10.53 19.23 -5.35
O3' T3F B . -10.77 20.53 -5.87
C2' T3F B . -11.76 18.92 -4.52
C1' T3F B . -12.62 18.15 -5.51
N1 T3F B . -13.39 17.09 -4.88
C2 T3F B . -14.64 16.87 -5.28
O2 T3F B . -15.16 17.59 -6.14
N3 T3F B . -15.42 15.92 -4.75
C6 T3F B . -12.83 16.32 -3.92
C5 T3F B . -13.60 15.32 -3.32
C5M T3F B . -12.95 14.46 -2.25
C4 T3F B . -14.91 15.16 -3.77
O4 T3F B . -15.75 14.24 -3.32
N1 FON C . 19.96 -7.56 -7.89
C2 FON C . 20.29 -8.86 -7.70
NA2 FON C . 21.57 -9.32 -7.82
N3 FON C . 19.33 -9.73 -7.33
C4 FON C . 18.05 -9.34 -7.20
O4 FON C . 17.20 -10.31 -6.84
C4A FON C . 17.68 -8.00 -7.41
N5 FON C . 16.40 -7.43 -7.26
C6 FON C . 16.04 -6.33 -8.15
C7 FON C . 17.08 -5.23 -7.87
N8 FON C . 18.43 -5.79 -8.01
C8A FON C . 18.70 -7.11 -7.76
C9 FON C . 16.04 -6.65 -9.64
N10 FON C . 15.37 -7.88 -9.98
C11 FON C . 15.20 -9.68 -13.71
C12 FON C . 15.53 -8.32 -13.65
C13 FON C . 15.60 -7.68 -12.41
C14 FON C . 15.29 -8.38 -11.24
C15 FON C . 14.96 -9.72 -11.33
C16 FON C . 14.92 -10.38 -12.55
C FON C . 15.05 -10.47 -14.98
O FON C . 15.74 -10.14 -15.92
N FON C . 14.09 -11.43 -14.87
CA FON C . 13.48 -12.47 -15.73
CB FON C . 14.59 -13.23 -16.47
CG FON C . 15.36 -12.43 -17.54
CD FON C . 14.55 -11.44 -18.36
OE1 FON C . 13.58 -10.81 -17.88
OE2 FON C . 14.90 -11.26 -19.54
CT FON C . 12.53 -13.45 -15.03
O1 FON C . 12.08 -14.43 -15.68
O2 FON C . 12.13 -13.26 -13.86
CP1 FON C . 15.69 -7.70 -6.23
O3 FON C . 14.58 -7.18 -6.00
O2B T3F D . 5.85 -7.50 -6.38
PB T3F D . 6.68 -7.42 -7.67
O1B T3F D . 6.71 -8.62 -8.56
O3B T3F D . 8.15 -7.08 -7.17
C1Q T3F D . 9.25 -7.27 -8.06
O5Q T3F D . 9.57 -6.12 -8.83
C5Q T3F D . 9.95 -4.94 -8.07
C6Q T3F D . 10.33 -3.75 -8.97
C2Q T3F D . 10.40 -7.65 -7.15
O2Q T3F D . 10.00 -8.71 -6.29
C3Q T3F D . 10.79 -6.47 -6.27
N3Q T3F D . 11.96 -6.83 -5.49
C4Q T3F D . 11.12 -5.27 -7.15
O4Q T3F D . 12.25 -5.51 -7.98
O3A T3F D . 6.21 -6.28 -8.74
PA T3F D . 5.48 -4.83 -8.58
O1A T3F D . 6.20 -3.99 -7.56
O2A T3F D . 5.35 -4.45 -10.03
O5' T3F D . 4.00 -5.03 -7.94
C5' T3F D . 3.79 -5.22 -6.54
C4' T3F D . 2.65 -6.19 -6.24
O4' T3F D . 1.41 -5.86 -6.91
C3' T3F D . 2.96 -7.62 -6.63
O3' T3F D . 3.68 -8.34 -5.58
C2' T3F D . 1.58 -8.18 -6.98
C1' T3F D . 0.70 -7.02 -7.39
N1 T3F D . 0.46 -6.86 -8.86
C2 T3F D . -0.79 -6.93 -9.35
O2 T3F D . -1.72 -7.21 -8.57
N3 T3F D . -1.12 -6.77 -10.65
C6 T3F D . 1.43 -6.51 -9.71
C5 T3F D . 1.17 -6.33 -11.06
C5M T3F D . 2.25 -6.00 -12.08
C4 T3F D . -0.13 -6.45 -11.51
O4 T3F D . -0.39 -6.28 -12.81
K K E . -20.33 -28.67 -6.93
NA NA F . -10.86 34.96 1.01
NA NA G . 3.88 -12.02 -15.49
NA NA H . 22.37 -9.65 11.49
CL CL I . -8.81 27.89 2.42
#